data_6T10
#
_entry.id   6T10
#
_cell.length_a   39.742
_cell.length_b   103.524
_cell.length_c   42.189
_cell.angle_alpha   90.000
_cell.angle_beta   105.735
_cell.angle_gamma   90.000
#
_symmetry.space_group_name_H-M   'P 1 21 1'
#
loop_
_entity.id
_entity.type
_entity.pdbx_description
1 polymer YTHDC1
2 non-polymer 5-iodanyl-~{N}-methyl-1~{H}-indazole-3-carboxamide
3 non-polymer 'SULFATE ION'
4 water water
#
_entity_poly.entity_id   1
_entity_poly.type   'polypeptide(L)'
_entity_poly.pdbx_seq_one_letter_code
;MHHHHHHSSGRENLYFQGTSKLKYVLQDARFFLIKSNNHENVSLAKAKGVWSTLPVNEKKLNLAFRSARSVILIFSVRES
GKFQGFARLSSESHHGGSPIHWVLPAGMSAKMLGGVFKIDWICRRELPFTKSAHLTNPWNEHKPVKIGRDGQEIELECGT
QLCLLFPPDESIDLYQVIHKMRH
;
_entity_poly.pdbx_strand_id   A,B
#
loop_
_chem_comp.id
_chem_comp.type
_chem_comp.name
_chem_comp.formula
M6Z non-polymer 5-iodanyl-~{N}-methyl-1~{H}-indazole-3-carboxamide 'C9 H8 I N3 O'
SO4 non-polymer 'SULFATE ION' 'O4 S -2'
#
# COMPACT_ATOMS: atom_id res chain seq x y z
N GLY A 18 6.16 -5.40 -25.17
CA GLY A 18 4.77 -5.37 -24.72
C GLY A 18 4.56 -6.03 -23.37
N THR A 19 3.32 -5.96 -22.86
CA THR A 19 2.98 -6.52 -21.56
C THR A 19 1.97 -7.66 -21.64
N SER A 20 1.57 -8.09 -22.83
CA SER A 20 0.44 -9.00 -22.95
C SER A 20 0.82 -10.40 -22.46
N LYS A 21 1.99 -10.89 -22.87
CA LYS A 21 2.40 -12.22 -22.40
C LYS A 21 2.63 -12.19 -20.89
N LEU A 22 3.17 -11.08 -20.37
CA LEU A 22 3.33 -10.96 -18.92
C LEU A 22 2.00 -11.04 -18.21
N LYS A 23 0.99 -10.32 -18.70
CA LYS A 23 -0.34 -10.38 -18.10
C LYS A 23 -0.91 -11.80 -18.17
N TYR A 24 -0.63 -12.52 -19.26
CA TYR A 24 -1.12 -13.89 -19.36
C TYR A 24 -0.48 -14.78 -18.29
N VAL A 25 0.82 -14.62 -18.08
CA VAL A 25 1.51 -15.41 -17.07
C VAL A 25 0.97 -15.11 -15.68
N LEU A 26 0.63 -13.85 -15.41
CA LEU A 26 0.16 -13.45 -14.08
C LEU A 26 -1.31 -13.71 -13.85
N GLN A 27 -2.05 -14.11 -14.89
CA GLN A 27 -3.49 -14.31 -14.74
C GLN A 27 -3.77 -15.39 -13.71
N ASP A 28 -4.54 -15.03 -12.68
CA ASP A 28 -4.92 -15.97 -11.61
C ASP A 28 -3.72 -16.54 -10.88
N ALA A 29 -2.61 -15.80 -10.86
CA ALA A 29 -1.42 -16.23 -10.16
C ALA A 29 -1.56 -15.99 -8.66
N ARG A 30 -0.69 -16.64 -7.91
CA ARG A 30 -0.44 -16.31 -6.51
C ARG A 30 0.94 -15.69 -6.39
N PHE A 31 1.10 -14.81 -5.40
CA PHE A 31 2.29 -13.98 -5.25
C PHE A 31 2.79 -14.07 -3.83
N PHE A 32 4.11 -14.17 -3.66
CA PHE A 32 4.70 -14.20 -2.33
C PHE A 32 5.91 -13.27 -2.28
N LEU A 33 5.97 -12.48 -1.22
CA LEU A 33 7.10 -11.59 -0.94
C LEU A 33 8.25 -12.41 -0.36
N ILE A 34 9.43 -12.32 -0.99
CA ILE A 34 10.62 -13.01 -0.52
C ILE A 34 11.59 -11.93 -0.03
N LYS A 35 12.00 -12.02 1.24
CA LYS A 35 12.92 -11.04 1.82
C LYS A 35 14.28 -11.73 1.98
N SER A 36 15.23 -11.37 1.12
CA SER A 36 16.56 -11.90 1.18
C SER A 36 17.41 -11.09 2.14
N ASN A 37 18.23 -11.78 2.93
CA ASN A 37 19.08 -11.09 3.89
C ASN A 37 20.20 -10.30 3.21
N ASN A 38 20.54 -10.64 1.97
CA ASN A 38 21.72 -10.05 1.33
C ASN A 38 21.55 -10.13 -0.18
N HIS A 39 22.37 -9.32 -0.88
CA HIS A 39 22.31 -9.34 -2.34
C HIS A 39 22.91 -10.60 -2.92
N GLU A 40 23.88 -11.21 -2.21
CA GLU A 40 24.53 -12.41 -2.75
C GLU A 40 23.51 -13.51 -3.05
N ASN A 41 22.51 -13.68 -2.18
CA ASN A 41 21.56 -14.76 -2.42
C ASN A 41 20.67 -14.48 -3.62
N VAL A 42 20.31 -13.22 -3.84
CA VAL A 42 19.52 -12.89 -5.03
C VAL A 42 20.37 -13.07 -6.29
N SER A 43 21.65 -12.73 -6.22
CA SER A 43 22.54 -12.95 -7.35
C SER A 43 22.65 -14.44 -7.67
N LEU A 44 22.80 -15.29 -6.66
CA LEU A 44 22.80 -16.74 -6.91
C LEU A 44 21.49 -17.20 -7.53
N ALA A 45 20.37 -16.69 -7.01
CA ALA A 45 19.08 -17.10 -7.53
C ALA A 45 18.90 -16.70 -8.98
N LYS A 46 19.40 -15.51 -9.34
CA LYS A 46 19.28 -15.04 -10.73
C LYS A 46 20.20 -15.82 -11.66
N ALA A 47 21.36 -16.26 -11.16
CA ALA A 47 22.30 -16.99 -12.00
C ALA A 47 21.89 -18.43 -12.20
N LYS A 48 21.35 -19.06 -11.16
CA LYS A 48 21.13 -20.50 -11.13
C LYS A 48 19.67 -20.88 -11.28
N GLY A 49 18.75 -19.93 -11.18
CA GLY A 49 17.33 -20.25 -11.29
C GLY A 49 16.80 -21.09 -10.14
N VAL A 50 17.16 -20.73 -8.91
CA VAL A 50 16.81 -21.54 -7.75
C VAL A 50 16.48 -20.63 -6.58
N TRP A 51 15.68 -21.15 -5.65
CA TRP A 51 15.49 -20.49 -4.37
C TRP A 51 15.27 -21.55 -3.30
N SER A 52 15.66 -21.22 -2.07
CA SER A 52 15.42 -22.08 -0.92
C SER A 52 14.99 -21.20 0.24
N THR A 53 14.11 -21.74 1.10
CA THR A 53 13.53 -20.97 2.20
C THR A 53 13.37 -21.87 3.42
N LEU A 54 12.89 -21.30 4.52
CA LEU A 54 12.66 -22.09 5.72
C LEU A 54 11.49 -23.04 5.50
N PRO A 55 11.49 -24.19 6.19
CA PRO A 55 10.39 -25.15 6.02
C PRO A 55 8.99 -24.56 6.17
N VAL A 56 8.76 -23.62 7.10
CA VAL A 56 7.42 -23.04 7.23
CA VAL A 56 7.43 -23.05 7.23
C VAL A 56 6.98 -22.40 5.92
N ASN A 57 7.90 -21.74 5.22
CA ASN A 57 7.56 -21.09 3.96
C ASN A 57 7.59 -22.09 2.81
N GLU A 58 8.49 -23.06 2.88
CA GLU A 58 8.55 -24.10 1.87
C GLU A 58 7.23 -24.83 1.76
N LYS A 59 6.63 -25.19 2.89
CA LYS A 59 5.33 -25.83 2.88
C LYS A 59 4.26 -24.95 2.24
N LYS A 60 4.26 -23.65 2.56
CA LYS A 60 3.29 -22.76 1.93
C LYS A 60 3.49 -22.69 0.42
N LEU A 61 4.75 -22.61 -0.03
CA LEU A 61 5.00 -22.48 -1.46
C LEU A 61 4.64 -23.76 -2.21
N ASN A 62 4.91 -24.92 -1.61
CA ASN A 62 4.55 -26.17 -2.23
C ASN A 62 3.04 -26.31 -2.36
N LEU A 63 2.28 -25.96 -1.31
CA LEU A 63 0.83 -25.94 -1.42
C LEU A 63 0.38 -25.00 -2.53
N ALA A 64 0.97 -23.81 -2.58
CA ALA A 64 0.56 -22.85 -3.61
C ALA A 64 0.90 -23.35 -5.02
N PHE A 65 2.03 -24.02 -5.19
CA PHE A 65 2.44 -24.48 -6.52
C PHE A 65 1.42 -25.44 -7.11
N ARG A 66 0.80 -26.27 -6.29
CA ARG A 66 -0.23 -27.19 -6.77
C ARG A 66 -1.57 -26.49 -6.99
N SER A 67 -1.76 -25.32 -6.40
CA SER A 67 -3.07 -24.66 -6.33
C SER A 67 -3.28 -23.59 -7.41
N ALA A 68 -2.24 -23.18 -8.14
CA ALA A 68 -2.35 -22.01 -9.00
C ALA A 68 -1.60 -22.25 -10.29
N ARG A 69 -2.04 -21.58 -11.36
CA ARG A 69 -1.37 -21.70 -12.66
C ARG A 69 0.05 -21.16 -12.62
N SER A 70 0.29 -20.12 -11.80
CA SER A 70 1.61 -19.52 -11.63
C SER A 70 1.76 -19.10 -10.18
N VAL A 71 2.91 -19.40 -9.59
CA VAL A 71 3.29 -18.88 -8.28
C VAL A 71 4.49 -17.97 -8.48
N ILE A 72 4.33 -16.70 -8.11
CA ILE A 72 5.33 -15.65 -8.39
C ILE A 72 6.00 -15.29 -7.07
N LEU A 73 7.34 -15.30 -7.06
CA LEU A 73 8.16 -14.82 -5.96
C LEU A 73 8.65 -13.43 -6.31
N ILE A 74 8.38 -12.45 -5.45
CA ILE A 74 8.84 -11.08 -5.64
C ILE A 74 9.91 -10.81 -4.58
N PHE A 75 11.13 -10.50 -5.03
CA PHE A 75 12.32 -10.50 -4.18
C PHE A 75 12.65 -9.09 -3.70
N SER A 76 12.99 -8.97 -2.42
CA SER A 76 13.50 -7.72 -1.88
C SER A 76 14.64 -8.02 -0.92
N VAL A 77 15.81 -7.44 -1.17
CA VAL A 77 16.92 -7.52 -0.22
C VAL A 77 16.67 -6.56 0.94
N ARG A 78 16.76 -7.09 2.16
CA ARG A 78 16.49 -6.29 3.35
C ARG A 78 17.37 -5.04 3.37
N GLU A 79 16.76 -3.93 3.77
CA GLU A 79 17.38 -2.60 3.89
C GLU A 79 17.80 -1.99 2.56
N SER A 80 17.51 -2.63 1.42
CA SER A 80 17.89 -2.05 0.13
C SER A 80 16.91 -0.99 -0.34
N GLY A 81 15.71 -0.94 0.22
CA GLY A 81 14.70 -0.01 -0.24
C GLY A 81 14.14 -0.32 -1.62
N LYS A 82 14.33 -1.55 -2.10
CA LYS A 82 13.96 -1.88 -3.47
C LYS A 82 13.54 -3.34 -3.52
N PHE A 83 12.77 -3.67 -4.57
CA PHE A 83 12.64 -5.05 -5.03
C PHE A 83 13.68 -5.29 -6.12
N GLN A 84 14.17 -6.53 -6.20
CA GLN A 84 15.21 -6.86 -7.18
C GLN A 84 14.70 -7.68 -8.36
N GLY A 85 13.41 -7.95 -8.43
CA GLY A 85 12.86 -8.66 -9.56
C GLY A 85 11.83 -9.66 -9.10
N PHE A 86 11.33 -10.45 -10.06
CA PHE A 86 10.35 -11.46 -9.74
C PHE A 86 10.49 -12.68 -10.66
N ALA A 87 10.05 -13.84 -10.15
CA ALA A 87 10.28 -15.10 -10.82
C ALA A 87 9.09 -16.02 -10.55
N ARG A 88 8.93 -17.02 -11.40
CA ARG A 88 7.82 -17.96 -11.28
C ARG A 88 8.37 -19.33 -10.89
N LEU A 89 7.78 -19.94 -9.87
CA LEU A 89 8.13 -21.33 -9.54
C LEU A 89 7.91 -22.24 -10.73
N SER A 90 8.90 -23.05 -11.06
CA SER A 90 8.71 -24.09 -12.06
C SER A 90 8.64 -25.48 -11.47
N SER A 91 8.86 -25.63 -10.17
CA SER A 91 8.81 -26.93 -9.52
C SER A 91 8.47 -26.74 -8.04
N GLU A 92 7.97 -27.80 -7.43
CA GLU A 92 7.96 -27.89 -5.98
C GLU A 92 9.40 -28.02 -5.48
N SER A 93 9.58 -27.94 -4.17
CA SER A 93 10.93 -28.04 -3.62
C SER A 93 11.43 -29.47 -3.72
N HIS A 94 12.72 -29.62 -3.95
CA HIS A 94 13.35 -30.93 -3.97
C HIS A 94 14.68 -30.87 -3.26
N HIS A 95 15.08 -32.02 -2.71
CA HIS A 95 16.34 -32.18 -2.02
C HIS A 95 17.28 -33.03 -2.87
N GLY A 96 18.56 -32.96 -2.54
CA GLY A 96 19.56 -33.81 -3.17
C GLY A 96 20.17 -33.30 -4.45
N GLY A 97 19.94 -32.02 -4.79
CA GLY A 97 20.56 -31.44 -5.96
C GLY A 97 21.98 -30.97 -5.67
N SER A 98 22.55 -30.27 -6.63
CA SER A 98 23.86 -29.68 -6.43
C SER A 98 23.78 -28.62 -5.33
N PRO A 99 24.75 -28.59 -4.41
CA PRO A 99 24.70 -27.64 -3.31
C PRO A 99 24.70 -26.20 -3.82
N ILE A 100 23.99 -25.33 -3.09
CA ILE A 100 24.00 -23.90 -3.35
C ILE A 100 24.61 -23.23 -2.13
N HIS A 101 25.64 -22.43 -2.34
CA HIS A 101 26.36 -21.80 -1.24
C HIS A 101 25.72 -20.48 -0.83
N TRP A 102 24.49 -20.61 -0.34
CA TRP A 102 23.76 -19.45 0.19
C TRP A 102 24.57 -18.78 1.30
N VAL A 103 24.39 -17.47 1.43
CA VAL A 103 24.99 -16.70 2.51
C VAL A 103 23.94 -16.46 3.57
N LEU A 104 24.29 -16.76 4.82
CA LEU A 104 23.36 -16.52 5.90
C LEU A 104 23.99 -15.54 6.89
N PRO A 105 23.20 -14.63 7.48
CA PRO A 105 23.78 -13.65 8.40
C PRO A 105 24.43 -14.33 9.59
N ALA A 106 25.46 -13.68 10.11
CA ALA A 106 26.27 -14.24 11.21
C ALA A 106 26.76 -15.62 10.79
N GLY A 107 27.04 -16.48 11.77
CA GLY A 107 27.48 -17.83 11.45
C GLY A 107 26.35 -18.83 11.47
N MET A 108 25.19 -18.45 10.95
CA MET A 108 24.03 -19.33 10.98
C MET A 108 24.10 -20.38 9.88
N SER A 109 23.63 -21.58 10.21
CA SER A 109 23.84 -22.75 9.36
C SER A 109 22.75 -22.85 8.29
N ALA A 110 23.17 -23.17 7.07
CA ALA A 110 22.25 -23.43 5.98
C ALA A 110 21.43 -24.69 6.18
N LYS A 111 21.78 -25.53 7.16
CA LYS A 111 21.04 -26.76 7.41
C LYS A 111 19.58 -26.49 7.76
N MET A 112 19.29 -25.30 8.26
CA MET A 112 17.93 -24.96 8.63
C MET A 112 17.04 -24.76 7.40
N LEU A 113 17.61 -24.62 6.21
CA LEU A 113 16.82 -24.43 5.01
C LEU A 113 16.17 -25.73 4.58
N GLY A 114 15.09 -25.60 3.82
CA GLY A 114 14.39 -26.73 3.24
C GLY A 114 14.99 -27.13 1.91
N GLY A 115 14.14 -27.68 1.04
CA GLY A 115 14.56 -28.05 -0.28
C GLY A 115 14.78 -26.84 -1.18
N VAL A 116 15.00 -27.15 -2.47
CA VAL A 116 15.31 -26.15 -3.49
C VAL A 116 14.17 -26.09 -4.48
N PHE A 117 13.68 -24.88 -4.76
CA PHE A 117 12.72 -24.66 -5.83
C PHE A 117 13.45 -24.22 -7.09
N LYS A 118 13.07 -24.78 -8.23
CA LYS A 118 13.50 -24.21 -9.49
C LYS A 118 12.56 -23.07 -9.87
N ILE A 119 13.13 -21.97 -10.37
CA ILE A 119 12.38 -20.77 -10.74
C ILE A 119 12.83 -20.30 -12.13
N ASP A 120 11.90 -19.66 -12.84
CA ASP A 120 12.17 -18.97 -14.09
C ASP A 120 11.98 -17.48 -13.85
N TRP A 121 13.02 -16.72 -14.09
CA TRP A 121 12.93 -15.27 -13.89
C TRP A 121 12.01 -14.64 -14.92
N ILE A 122 11.18 -13.71 -14.46
CA ILE A 122 10.29 -12.98 -15.35
C ILE A 122 10.82 -11.57 -15.51
N CYS A 123 11.42 -11.02 -14.44
CA CYS A 123 12.03 -9.71 -14.52
C CYS A 123 13.22 -9.68 -13.57
N ARG A 124 14.41 -9.34 -14.08
CA ARG A 124 15.59 -9.20 -13.25
C ARG A 124 15.92 -7.75 -12.94
N ARG A 125 15.03 -6.81 -13.27
CA ARG A 125 15.24 -5.40 -13.01
C ARG A 125 14.70 -5.05 -11.63
N GLU A 126 15.24 -3.98 -11.08
CA GLU A 126 14.85 -3.55 -9.75
C GLU A 126 13.70 -2.54 -9.80
N LEU A 127 13.00 -2.41 -8.68
CA LEU A 127 11.94 -1.42 -8.53
C LEU A 127 12.05 -0.79 -7.15
N PRO A 128 12.24 0.52 -7.04
CA PRO A 128 12.32 1.14 -5.71
C PRO A 128 10.96 1.19 -5.02
N PHE A 129 11.00 1.11 -3.68
CA PHE A 129 9.77 1.13 -2.90
C PHE A 129 8.98 2.41 -3.11
N THR A 130 9.66 3.52 -3.44
CA THR A 130 8.97 4.77 -3.69
C THR A 130 7.92 4.63 -4.79
N LYS A 131 8.14 3.73 -5.75
CA LYS A 131 7.18 3.57 -6.85
C LYS A 131 6.01 2.65 -6.52
N SER A 132 6.04 1.92 -5.40
CA SER A 132 4.94 1.03 -5.05
C SER A 132 4.15 1.54 -3.84
N ALA A 133 4.34 2.80 -3.46
CA ALA A 133 3.72 3.34 -2.27
C ALA A 133 2.20 3.39 -2.36
N HIS A 134 1.64 3.31 -3.56
CA HIS A 134 0.19 3.34 -3.72
C HIS A 134 -0.46 1.97 -3.63
N LEU A 135 0.32 0.91 -3.43
CA LEU A 135 -0.20 -0.45 -3.39
C LEU A 135 -0.18 -0.98 -1.96
N THR A 136 -1.33 -1.41 -1.47
CA THR A 136 -1.44 -2.03 -0.16
C THR A 136 -1.86 -3.48 -0.33
N ASN A 137 -1.41 -4.32 0.61
CA ASN A 137 -1.67 -5.75 0.56
C ASN A 137 -2.76 -6.10 1.55
N PRO A 138 -3.95 -6.49 1.09
CA PRO A 138 -5.04 -6.89 2.01
C PRO A 138 -4.66 -8.00 2.97
N TRP A 139 -3.75 -8.90 2.58
CA TRP A 139 -3.35 -10.01 3.44
C TRP A 139 -2.31 -9.64 4.47
N ASN A 140 -1.86 -8.39 4.48
CA ASN A 140 -1.03 -7.84 5.54
C ASN A 140 -1.62 -6.53 6.05
N GLU A 141 -2.91 -6.56 6.40
CA GLU A 141 -3.60 -5.42 7.04
C GLU A 141 -3.60 -4.16 6.18
N HIS A 142 -3.54 -4.32 4.85
CA HIS A 142 -3.52 -3.20 3.92
C HIS A 142 -2.33 -2.27 4.15
N LYS A 143 -1.26 -2.81 4.70
CA LYS A 143 -0.01 -2.09 4.77
C LYS A 143 0.60 -2.02 3.37
N PRO A 144 1.45 -1.02 3.11
CA PRO A 144 2.14 -0.97 1.82
C PRO A 144 2.82 -2.29 1.51
N VAL A 145 2.76 -2.67 0.23
CA VAL A 145 3.15 -4.02 -0.19
C VAL A 145 4.62 -4.32 0.11
N LYS A 146 5.47 -3.28 0.18
CA LYS A 146 6.86 -3.48 0.58
C LYS A 146 7.00 -4.04 1.98
N ILE A 147 6.00 -3.87 2.84
CA ILE A 147 6.07 -4.33 4.21
C ILE A 147 5.57 -5.77 4.30
N GLY A 148 6.38 -6.63 4.90
CA GLY A 148 5.96 -7.99 5.12
C GLY A 148 7.11 -8.89 5.49
N ARG A 149 6.82 -9.93 6.25
CA ARG A 149 7.82 -10.93 6.57
C ARG A 149 8.16 -11.73 5.32
N ASP A 150 9.29 -12.41 5.37
CA ASP A 150 9.64 -13.34 4.31
C ASP A 150 8.53 -14.38 4.17
N GLY A 151 8.02 -14.55 2.96
CA GLY A 151 6.96 -15.50 2.71
C GLY A 151 5.55 -14.93 2.77
N GLN A 152 5.41 -13.65 3.06
CA GLN A 152 4.07 -13.05 3.12
C GLN A 152 3.38 -13.15 1.77
N GLU A 153 2.14 -13.67 1.76
CA GLU A 153 1.40 -13.73 0.51
C GLU A 153 0.85 -12.36 0.16
N ILE A 154 0.89 -12.05 -1.14
CA ILE A 154 0.35 -10.79 -1.67
C ILE A 154 -0.89 -11.12 -2.46
N GLU A 155 -2.02 -10.50 -2.10
CA GLU A 155 -3.29 -10.72 -2.80
C GLU A 155 -3.16 -10.44 -4.31
N LEU A 156 -3.98 -11.17 -5.10
CA LEU A 156 -3.91 -11.18 -6.56
C LEU A 156 -3.81 -9.79 -7.19
N GLU A 157 -4.75 -8.89 -6.86
CA GLU A 157 -4.77 -7.59 -7.52
C GLU A 157 -3.52 -6.77 -7.20
N CYS A 158 -3.16 -6.71 -5.92
CA CYS A 158 -1.96 -5.97 -5.52
C CYS A 158 -0.72 -6.59 -6.15
N GLY A 159 -0.62 -7.91 -6.12
CA GLY A 159 0.55 -8.57 -6.69
C GLY A 159 0.68 -8.33 -8.18
N THR A 160 -0.44 -8.36 -8.88
CA THR A 160 -0.43 -8.10 -10.32
C THR A 160 0.03 -6.68 -10.61
N GLN A 161 -0.56 -5.70 -9.92
CA GLN A 161 -0.16 -4.32 -10.15
C GLN A 161 1.30 -4.09 -9.78
N LEU A 162 1.78 -4.74 -8.73
CA LEU A 162 3.18 -4.58 -8.34
C LEU A 162 4.10 -5.09 -9.45
N CYS A 163 3.83 -6.29 -9.98
CA CYS A 163 4.66 -6.82 -11.05
C CYS A 163 4.62 -5.93 -12.29
N LEU A 164 3.46 -5.34 -12.59
CA LEU A 164 3.34 -4.50 -13.77
C LEU A 164 4.10 -3.19 -13.63
N LEU A 165 4.46 -2.80 -12.41
CA LEU A 165 5.24 -1.57 -12.21
C LEU A 165 6.69 -1.72 -12.57
N PHE A 166 7.22 -2.95 -12.52
CA PHE A 166 8.64 -3.14 -12.79
C PHE A 166 8.96 -2.69 -14.22
N PRO A 167 10.15 -2.15 -14.44
CA PRO A 167 10.58 -1.87 -15.82
C PRO A 167 10.58 -3.15 -16.65
N PRO A 168 10.21 -3.07 -17.92
CA PRO A 168 10.25 -4.28 -18.76
C PRO A 168 11.68 -4.82 -18.84
N ASP A 169 11.78 -6.15 -18.80
CA ASP A 169 13.06 -6.84 -18.93
C ASP A 169 13.10 -7.46 -20.32
N GLU A 170 13.72 -6.73 -21.25
CA GLU A 170 13.75 -7.12 -22.65
C GLU A 170 14.70 -8.28 -22.91
N SER A 171 15.42 -8.77 -21.91
CA SER A 171 16.25 -9.95 -22.09
C SER A 171 15.46 -11.24 -21.95
N ILE A 172 14.20 -11.17 -21.51
CA ILE A 172 13.42 -12.36 -21.16
C ILE A 172 12.34 -12.59 -22.22
N ASP A 173 12.18 -13.84 -22.63
CA ASP A 173 11.15 -14.26 -23.56
C ASP A 173 10.19 -15.17 -22.80
N LEU A 174 8.95 -14.70 -22.56
CA LEU A 174 7.99 -15.46 -21.77
C LEU A 174 7.34 -16.60 -22.52
N TYR A 175 7.65 -16.78 -23.80
CA TYR A 175 7.10 -17.90 -24.57
C TYR A 175 7.38 -19.23 -23.86
N GLN A 176 8.62 -19.44 -23.42
CA GLN A 176 9.00 -20.68 -22.77
C GLN A 176 8.24 -20.89 -21.46
N VAL A 177 8.02 -19.81 -20.71
CA VAL A 177 7.28 -19.90 -19.45
C VAL A 177 5.83 -20.28 -19.70
N ILE A 178 5.21 -19.67 -20.71
CA ILE A 178 3.82 -19.96 -21.02
C ILE A 178 3.62 -21.45 -21.29
N HIS A 179 4.61 -22.08 -21.93
CA HIS A 179 4.53 -23.51 -22.23
C HIS A 179 4.48 -24.35 -20.95
N LYS A 180 5.07 -23.87 -19.86
CA LYS A 180 5.11 -24.64 -18.63
C LYS A 180 3.79 -24.61 -17.87
N MET A 181 2.92 -23.65 -18.16
CA MET A 181 1.64 -23.56 -17.49
C MET A 181 0.66 -24.58 -18.07
N GLY B 18 6.93 27.19 2.54
CA GLY B 18 6.01 28.14 3.13
C GLY B 18 4.58 27.69 3.03
N THR B 19 3.67 28.47 3.62
CA THR B 19 2.27 28.07 3.76
C THR B 19 1.34 28.73 2.73
N SER B 20 1.86 29.50 1.77
CA SER B 20 0.99 30.19 0.82
C SER B 20 0.09 29.23 0.07
N LYS B 21 0.66 28.14 -0.45
CA LYS B 21 -0.11 27.18 -1.23
C LYS B 21 -1.22 26.56 -0.41
N LEU B 22 -0.89 26.04 0.77
CA LEU B 22 -1.90 25.38 1.59
C LEU B 22 -2.99 26.37 2.03
N LYS B 23 -2.60 27.59 2.41
CA LYS B 23 -3.60 28.57 2.79
C LYS B 23 -4.54 28.88 1.63
N TYR B 24 -3.99 28.90 0.41
CA TYR B 24 -4.84 29.10 -0.77
C TYR B 24 -5.85 27.97 -0.91
N VAL B 25 -5.40 26.73 -0.73
CA VAL B 25 -6.29 25.58 -0.85
C VAL B 25 -7.42 25.66 0.17
N LEU B 26 -7.11 26.14 1.38
CA LEU B 26 -8.07 26.13 2.47
C LEU B 26 -8.91 27.40 2.58
N GLN B 27 -8.72 28.37 1.68
CA GLN B 27 -9.25 29.71 1.91
C GLN B 27 -10.77 29.71 2.07
N ASP B 28 -11.47 28.94 1.25
CA ASP B 28 -12.92 28.87 1.35
C ASP B 28 -13.23 27.38 1.44
N ALA B 29 -12.98 26.81 2.61
CA ALA B 29 -13.08 25.37 2.78
C ALA B 29 -14.08 25.04 3.88
N ARG B 30 -14.69 23.88 3.75
CA ARG B 30 -15.41 23.27 4.86
C ARG B 30 -14.58 22.09 5.35
N PHE B 31 -14.72 21.77 6.64
CA PHE B 31 -13.88 20.79 7.30
C PHE B 31 -14.74 19.81 8.06
N PHE B 32 -14.43 18.52 7.94
CA PHE B 32 -15.16 17.48 8.66
C PHE B 32 -14.19 16.53 9.32
N LEU B 33 -14.43 16.25 10.59
CA LEU B 33 -13.70 15.20 11.28
C LEU B 33 -14.19 13.85 10.79
N ILE B 34 -13.27 12.93 10.53
CA ILE B 34 -13.56 11.57 10.11
C ILE B 34 -12.97 10.62 11.13
N LYS B 35 -13.80 9.75 11.70
CA LYS B 35 -13.34 8.78 12.68
C LYS B 35 -13.36 7.39 12.05
N SER B 36 -12.24 6.70 12.14
CA SER B 36 -12.12 5.34 11.64
C SER B 36 -11.92 4.41 12.83
N ASN B 37 -12.53 3.22 12.76
CA ASN B 37 -12.35 2.27 13.84
C ASN B 37 -10.97 1.63 13.84
N ASN B 38 -10.27 1.61 12.71
CA ASN B 38 -8.98 0.93 12.67
C ASN B 38 -8.02 1.69 11.77
N HIS B 39 -6.74 1.32 11.87
CA HIS B 39 -5.74 1.90 10.98
C HIS B 39 -5.84 1.32 9.57
N GLU B 40 -6.34 0.09 9.44
CA GLU B 40 -6.32 -0.58 8.14
C GLU B 40 -7.11 0.19 7.09
N ASN B 41 -8.31 0.68 7.43
CA ASN B 41 -9.09 1.41 6.44
C ASN B 41 -8.44 2.74 6.09
N VAL B 42 -7.73 3.34 7.03
CA VAL B 42 -7.01 4.58 6.73
C VAL B 42 -5.82 4.29 5.83
N SER B 43 -5.12 3.17 6.06
CA SER B 43 -3.99 2.85 5.20
C SER B 43 -4.45 2.56 3.77
N LEU B 44 -5.59 1.88 3.63
CA LEU B 44 -6.17 1.68 2.30
C LEU B 44 -6.52 3.02 1.66
N ALA B 45 -7.21 3.88 2.42
CA ALA B 45 -7.67 5.16 1.88
C ALA B 45 -6.49 6.05 1.49
N LYS B 46 -5.41 6.00 2.27
CA LYS B 46 -4.24 6.82 1.98
C LYS B 46 -3.58 6.41 0.65
N ALA B 47 -3.54 5.12 0.37
CA ALA B 47 -2.86 4.68 -0.84
C ALA B 47 -3.73 4.85 -2.08
N LYS B 48 -5.02 4.58 -1.94
CA LYS B 48 -5.94 4.55 -3.06
C LYS B 48 -6.65 5.88 -3.32
N GLY B 49 -6.69 6.79 -2.33
CA GLY B 49 -7.37 8.05 -2.51
C GLY B 49 -8.89 7.93 -2.56
N VAL B 50 -9.46 7.18 -1.62
CA VAL B 50 -10.90 6.95 -1.58
C VAL B 50 -11.36 6.95 -0.14
N TRP B 51 -12.64 7.29 0.07
CA TRP B 51 -13.26 7.15 1.37
C TRP B 51 -14.74 6.85 1.19
N SER B 52 -15.30 6.17 2.18
CA SER B 52 -16.74 5.94 2.25
C SER B 52 -17.19 6.14 3.69
N THR B 53 -18.43 6.57 3.87
CA THR B 53 -18.93 6.82 5.21
C THR B 53 -20.40 6.39 5.28
N LEU B 54 -20.98 6.52 6.46
CA LEU B 54 -22.38 6.13 6.64
C LEU B 54 -23.31 7.13 5.96
N PRO B 55 -24.57 6.72 5.67
CA PRO B 55 -25.45 7.57 4.85
C PRO B 55 -25.63 9.00 5.32
N VAL B 56 -25.80 9.22 6.63
CA VAL B 56 -26.02 10.58 7.10
C VAL B 56 -24.85 11.48 6.75
N ASN B 57 -23.63 10.98 6.95
CA ASN B 57 -22.45 11.77 6.62
C ASN B 57 -22.23 11.87 5.12
N GLU B 58 -22.60 10.83 4.36
CA GLU B 58 -22.44 10.89 2.92
C GLU B 58 -23.24 12.04 2.34
N LYS B 59 -24.48 12.22 2.81
CA LYS B 59 -25.32 13.31 2.34
C LYS B 59 -24.74 14.66 2.71
N LYS B 60 -24.28 14.80 3.96
CA LYS B 60 -23.62 16.03 4.39
C LYS B 60 -22.42 16.37 3.50
N LEU B 61 -21.59 15.37 3.21
CA LEU B 61 -20.38 15.63 2.42
C LEU B 61 -20.71 15.97 0.98
N ASN B 62 -21.74 15.34 0.41
CA ASN B 62 -22.12 15.68 -0.95
C ASN B 62 -22.65 17.10 -1.03
N LEU B 63 -23.52 17.48 -0.08
CA LEU B 63 -23.98 18.86 0.00
C LEU B 63 -22.82 19.83 0.12
N ALA B 64 -21.85 19.52 0.98
CA ALA B 64 -20.72 20.41 1.17
C ALA B 64 -19.89 20.52 -0.11
N PHE B 65 -19.75 19.41 -0.83
CA PHE B 65 -18.89 19.40 -2.02
C PHE B 65 -19.38 20.40 -3.07
N ARG B 66 -20.70 20.55 -3.20
CA ARG B 66 -21.26 21.50 -4.16
C ARG B 66 -21.35 22.90 -3.62
N SER B 67 -21.26 23.07 -2.30
CA SER B 67 -21.39 24.40 -1.70
C SER B 67 -20.04 25.07 -1.53
N ALA B 68 -18.96 24.31 -1.44
CA ALA B 68 -17.69 24.82 -0.96
C ALA B 68 -16.58 24.62 -1.97
N ARG B 69 -15.67 25.58 -1.99
CA ARG B 69 -14.52 25.54 -2.89
C ARG B 69 -13.66 24.30 -2.62
N SER B 70 -13.50 23.93 -1.35
CA SER B 70 -12.79 22.72 -0.95
C SER B 70 -13.52 22.11 0.23
N VAL B 71 -13.61 20.79 0.25
CA VAL B 71 -14.11 20.05 1.41
C VAL B 71 -12.98 19.19 1.93
N ILE B 72 -12.60 19.40 3.18
CA ILE B 72 -11.44 18.77 3.80
C ILE B 72 -11.92 17.76 4.84
N LEU B 73 -11.40 16.54 4.74
CA LEU B 73 -11.61 15.50 5.72
C LEU B 73 -10.35 15.38 6.57
N ILE B 74 -10.50 15.47 7.89
CA ILE B 74 -9.39 15.34 8.82
C ILE B 74 -9.58 14.05 9.60
N PHE B 75 -8.64 13.12 9.47
CA PHE B 75 -8.84 11.74 9.90
C PHE B 75 -8.28 11.49 11.29
N SER B 76 -9.02 10.74 12.09
CA SER B 76 -8.53 10.27 13.39
C SER B 76 -9.03 8.85 13.63
N VAL B 77 -8.11 7.93 13.90
CA VAL B 77 -8.46 6.56 14.24
C VAL B 77 -8.85 6.53 15.72
N ARG B 78 -10.00 5.93 16.01
CA ARG B 78 -10.50 5.89 17.37
C ARG B 78 -9.46 5.30 18.30
N GLU B 79 -9.28 5.96 19.46
CA GLU B 79 -8.37 5.58 20.53
C GLU B 79 -6.90 5.72 20.19
N SER B 80 -6.55 6.36 19.07
CA SER B 80 -5.13 6.46 18.73
C SER B 80 -4.45 7.66 19.37
N GLY B 81 -5.22 8.62 19.89
CA GLY B 81 -4.65 9.84 20.41
C GLY B 81 -4.07 10.77 19.37
N LYS B 82 -4.35 10.55 18.09
CA LYS B 82 -3.72 11.35 17.04
C LYS B 82 -4.72 11.52 15.89
N PHE B 83 -4.43 12.52 15.05
CA PHE B 83 -4.98 12.58 13.70
C PHE B 83 -3.96 11.93 12.76
N GLN B 84 -4.45 11.29 11.70
CA GLN B 84 -3.56 10.59 10.78
C GLN B 84 -3.31 11.32 9.47
N GLY B 85 -3.91 12.50 9.28
CA GLY B 85 -3.73 13.25 8.06
C GLY B 85 -5.00 13.92 7.62
N PHE B 86 -4.97 14.58 6.45
CA PHE B 86 -6.17 15.22 5.94
C PHE B 86 -6.16 15.23 4.42
N ALA B 87 -7.35 15.26 3.84
CA ALA B 87 -7.50 15.09 2.40
C ALA B 87 -8.62 15.99 1.91
N ARG B 88 -8.63 16.26 0.61
CA ARG B 88 -9.65 17.10 0.00
C ARG B 88 -10.52 16.24 -0.93
N LEU B 89 -11.85 16.37 -0.80
CA LEU B 89 -12.72 15.67 -1.75
C LEU B 89 -12.45 16.16 -3.17
N SER B 90 -12.27 15.22 -4.11
CA SER B 90 -12.24 15.62 -5.51
C SER B 90 -13.53 15.28 -6.25
N SER B 91 -14.43 14.52 -5.62
CA SER B 91 -15.69 14.13 -6.24
C SER B 91 -16.76 14.04 -5.17
N GLU B 92 -18.02 14.14 -5.60
CA GLU B 92 -19.11 13.63 -4.78
C GLU B 92 -18.99 12.11 -4.69
N SER B 93 -19.83 11.51 -3.85
CA SER B 93 -19.80 10.05 -3.76
C SER B 93 -20.42 9.45 -5.02
N HIS B 94 -19.94 8.26 -5.37
CA HIS B 94 -20.44 7.57 -6.55
C HIS B 94 -20.55 6.09 -6.26
N HIS B 95 -21.57 5.46 -6.82
CA HIS B 95 -21.81 4.03 -6.66
C HIS B 95 -21.44 3.30 -7.94
N GLY B 96 -21.29 1.98 -7.82
CA GLY B 96 -21.07 1.16 -8.99
C GLY B 96 -19.65 1.12 -9.51
N GLY B 97 -18.71 1.75 -8.83
CA GLY B 97 -17.31 1.59 -9.15
C GLY B 97 -16.79 0.26 -8.64
N SER B 98 -15.48 0.08 -8.74
CA SER B 98 -14.87 -1.11 -8.20
C SER B 98 -15.10 -1.15 -6.70
N PRO B 99 -15.47 -2.30 -6.14
CA PRO B 99 -15.76 -2.36 -4.70
C PRO B 99 -14.49 -2.18 -3.88
N ILE B 100 -14.56 -1.32 -2.87
CA ILE B 100 -13.47 -1.15 -1.93
C ILE B 100 -13.63 -2.15 -0.80
N HIS B 101 -12.58 -2.92 -0.54
CA HIS B 101 -12.67 -3.99 0.45
C HIS B 101 -12.24 -3.50 1.84
N TRP B 102 -13.05 -2.57 2.35
CA TRP B 102 -12.89 -2.06 3.70
C TRP B 102 -12.98 -3.19 4.72
N VAL B 103 -12.38 -2.97 5.88
CA VAL B 103 -12.45 -3.89 7.01
C VAL B 103 -13.35 -3.27 8.07
N LEU B 104 -14.39 -4.00 8.48
CA LEU B 104 -15.34 -3.50 9.48
C LEU B 104 -15.54 -4.44 10.66
N GLY B 114 -22.13 2.88 1.42
CA GLY B 114 -22.62 3.87 0.48
C GLY B 114 -21.69 4.08 -0.71
N GLY B 115 -21.71 5.30 -1.26
CA GLY B 115 -20.86 5.61 -2.38
C GLY B 115 -19.41 5.82 -1.96
N VAL B 116 -18.56 5.93 -2.99
CA VAL B 116 -17.14 6.14 -2.80
C VAL B 116 -16.82 7.57 -3.17
N PHE B 117 -16.16 8.30 -2.27
CA PHE B 117 -15.62 9.62 -2.58
C PHE B 117 -14.17 9.47 -3.04
N LYS B 118 -13.83 10.14 -4.14
CA LYS B 118 -12.42 10.28 -4.49
C LYS B 118 -11.85 11.42 -3.66
N ILE B 119 -10.67 11.20 -3.08
CA ILE B 119 -10.00 12.20 -2.25
C ILE B 119 -8.55 12.32 -2.67
N ASP B 120 -8.03 13.54 -2.57
CA ASP B 120 -6.61 13.81 -2.75
C ASP B 120 -6.04 14.16 -1.39
N TRP B 121 -5.08 13.37 -0.92
CA TRP B 121 -4.45 13.63 0.36
C TRP B 121 -3.55 14.85 0.28
N ILE B 122 -3.62 15.67 1.33
CA ILE B 122 -2.78 16.85 1.44
C ILE B 122 -1.66 16.57 2.43
N CYS B 123 -1.96 15.78 3.46
CA CYS B 123 -0.95 15.38 4.42
C CYS B 123 -1.30 13.98 4.90
N ARG B 124 -0.32 13.09 4.87
CA ARG B 124 -0.53 11.73 5.40
C ARG B 124 0.27 11.48 6.67
N ARG B 125 0.83 12.53 7.26
CA ARG B 125 1.60 12.42 8.49
C ARG B 125 0.71 12.68 9.69
N GLU B 126 1.11 12.10 10.82
CA GLU B 126 0.33 12.17 12.05
C GLU B 126 0.50 13.51 12.75
N LEU B 127 -0.54 13.91 13.46
CA LEU B 127 -0.50 15.05 14.39
C LEU B 127 -1.08 14.55 15.70
N PRO B 128 -0.29 14.48 16.77
CA PRO B 128 -0.84 14.02 18.05
C PRO B 128 -1.77 15.07 18.64
N PHE B 129 -2.78 14.59 19.39
CA PHE B 129 -3.71 15.51 20.04
C PHE B 129 -3.01 16.49 20.97
N THR B 130 -1.83 16.13 21.49
CA THR B 130 -1.08 17.06 22.33
C THR B 130 -0.61 18.30 21.58
N LYS B 131 -0.66 18.31 20.25
CA LYS B 131 -0.30 19.51 19.50
C LYS B 131 -1.49 20.34 19.08
N SER B 132 -2.71 19.87 19.31
CA SER B 132 -3.92 20.64 18.96
C SER B 132 -4.73 21.02 20.19
N ALA B 133 -4.16 20.92 21.38
CA ALA B 133 -4.91 21.10 22.60
C ALA B 133 -5.37 22.53 22.82
N HIS B 134 -4.77 23.49 22.12
CA HIS B 134 -5.15 24.89 22.22
C HIS B 134 -6.31 25.26 21.29
N LEU B 135 -6.77 24.33 20.45
CA LEU B 135 -7.78 24.63 19.44
C LEU B 135 -9.13 24.07 19.85
N THR B 136 -10.15 24.92 19.85
CA THR B 136 -11.50 24.53 20.19
C THR B 136 -12.43 24.83 19.00
N ASN B 137 -13.45 23.98 18.82
CA ASN B 137 -14.34 24.08 17.68
C ASN B 137 -15.63 24.79 18.07
N PRO B 138 -15.87 26.03 17.61
CA PRO B 138 -17.11 26.72 17.96
C PRO B 138 -18.39 25.98 17.59
N TRP B 139 -18.37 25.12 16.57
CA TRP B 139 -19.56 24.41 16.14
C TRP B 139 -19.74 23.08 16.87
N ASN B 140 -18.92 22.81 17.89
CA ASN B 140 -19.09 21.70 18.82
C ASN B 140 -18.91 22.19 20.25
N GLU B 141 -19.65 23.24 20.60
CA GLU B 141 -19.72 23.76 21.97
C GLU B 141 -18.36 24.20 22.49
N HIS B 142 -17.47 24.61 21.58
CA HIS B 142 -16.17 25.13 21.94
C HIS B 142 -15.34 24.09 22.69
N LYS B 143 -15.57 22.79 22.40
CA LYS B 143 -14.76 21.71 22.93
C LYS B 143 -13.49 21.58 22.10
N PRO B 144 -12.42 21.04 22.69
CA PRO B 144 -11.18 20.83 21.92
C PRO B 144 -11.46 20.08 20.62
N VAL B 145 -10.77 20.48 19.56
CA VAL B 145 -11.11 20.01 18.22
C VAL B 145 -10.94 18.50 18.07
N LYS B 146 -10.13 17.86 18.93
CA LYS B 146 -9.99 16.41 18.90
C LYS B 146 -11.27 15.69 19.26
N ILE B 147 -12.21 16.38 19.93
CA ILE B 147 -13.46 15.78 20.37
C ILE B 147 -14.50 15.92 19.27
N GLY B 148 -15.11 14.80 18.87
CA GLY B 148 -16.21 14.87 17.95
C GLY B 148 -16.60 13.51 17.40
N ARG B 149 -17.83 13.39 16.93
CA ARG B 149 -18.30 12.17 16.31
C ARG B 149 -17.83 12.15 14.86
N ASP B 150 -17.83 10.95 14.27
CA ASP B 150 -17.56 10.83 12.85
C ASP B 150 -18.45 11.80 12.07
N GLY B 151 -17.84 12.63 11.23
CA GLY B 151 -18.56 13.61 10.45
C GLY B 151 -18.78 14.97 11.10
N GLN B 152 -18.31 15.18 12.33
CA GLN B 152 -18.48 16.48 12.98
C GLN B 152 -17.86 17.58 12.14
N GLU B 153 -18.65 18.62 11.83
CA GLU B 153 -18.11 19.72 11.06
C GLU B 153 -17.30 20.66 11.95
N ILE B 154 -16.18 21.14 11.42
CA ILE B 154 -15.27 22.01 12.16
C ILE B 154 -15.33 23.40 11.54
N GLU B 155 -15.50 24.42 12.37
CA GLU B 155 -15.63 25.79 11.91
C GLU B 155 -14.36 26.21 11.15
N LEU B 156 -14.55 27.12 10.20
CA LEU B 156 -13.53 27.46 9.19
C LEU B 156 -12.18 27.81 9.81
N GLU B 157 -12.13 28.76 10.76
CA GLU B 157 -10.84 29.16 11.27
C GLU B 157 -10.20 28.05 12.11
N CYS B 158 -10.99 27.32 12.89
CA CYS B 158 -10.43 26.23 13.67
C CYS B 158 -9.90 25.13 12.77
N GLY B 159 -10.66 24.78 11.73
CA GLY B 159 -10.20 23.77 10.79
C GLY B 159 -8.94 24.18 10.05
N THR B 160 -8.87 25.47 9.67
CA THR B 160 -7.68 25.98 9.00
C THR B 160 -6.45 25.89 9.89
N GLN B 161 -6.58 26.35 11.15
CA GLN B 161 -5.44 26.28 12.06
C GLN B 161 -5.05 24.85 12.37
N LEU B 162 -6.03 23.95 12.48
CA LEU B 162 -5.71 22.55 12.68
C LEU B 162 -4.89 21.99 11.51
N CYS B 163 -5.33 22.26 10.27
CA CYS B 163 -4.58 21.74 9.12
C CYS B 163 -3.18 22.33 9.06
N LEU B 164 -3.02 23.59 9.48
CA LEU B 164 -1.69 24.21 9.44
C LEU B 164 -0.73 23.62 10.47
N LEU B 165 -1.24 22.91 11.49
CA LEU B 165 -0.36 22.31 12.49
C LEU B 165 0.36 21.07 11.97
N PHE B 166 -0.17 20.41 10.95
CA PHE B 166 0.45 19.19 10.48
C PHE B 166 1.83 19.49 9.88
N PRO B 167 2.76 18.54 9.99
CA PRO B 167 4.09 18.74 9.38
C PRO B 167 4.02 18.61 7.88
N PRO B 168 5.01 19.14 7.16
CA PRO B 168 5.02 19.00 5.70
C PRO B 168 5.20 17.55 5.29
N ASP B 169 4.51 17.15 4.24
CA ASP B 169 4.56 15.78 3.76
C ASP B 169 5.31 15.76 2.43
N GLU B 170 6.53 15.20 2.46
CA GLU B 170 7.39 15.15 1.27
C GLU B 170 6.85 14.25 0.18
N SER B 171 5.86 13.42 0.47
CA SER B 171 5.31 12.54 -0.54
C SER B 171 4.20 13.20 -1.33
N ILE B 172 3.78 14.41 -0.95
CA ILE B 172 2.61 15.08 -1.52
C ILE B 172 3.05 16.29 -2.32
N ASP B 173 2.45 16.46 -3.48
CA ASP B 173 2.61 17.64 -4.31
C ASP B 173 1.24 18.29 -4.44
N LEU B 174 1.08 19.50 -3.89
CA LEU B 174 -0.22 20.20 -3.93
C LEU B 174 -0.63 20.63 -5.32
N TYR B 175 0.21 20.41 -6.33
CA TYR B 175 -0.03 20.96 -7.65
C TYR B 175 -1.32 20.43 -8.27
N GLN B 176 -1.59 19.14 -8.11
CA GLN B 176 -2.81 18.57 -8.67
C GLN B 176 -4.05 19.15 -8.02
N VAL B 177 -4.05 19.28 -6.68
CA VAL B 177 -5.19 19.86 -5.98
C VAL B 177 -5.42 21.28 -6.44
N ILE B 178 -4.36 22.10 -6.46
CA ILE B 178 -4.51 23.49 -6.88
C ILE B 178 -5.03 23.56 -8.31
N HIS B 179 -4.54 22.70 -9.18
CA HIS B 179 -4.91 22.76 -10.59
C HIS B 179 -6.37 22.44 -10.81
N LYS B 180 -7.01 21.70 -9.89
CA LYS B 180 -8.42 21.37 -10.01
C LYS B 180 -9.31 22.24 -9.13
N MET B 181 -8.81 23.38 -8.67
CA MET B 181 -9.64 24.36 -7.97
C MET B 181 -9.92 25.54 -8.89
N12 M6Z C . 14.61 -17.80 4.63
C01 M6Z C . 18.33 -18.58 0.42
C03 M6Z C . 17.72 -17.98 2.80
C04 M6Z C . 16.61 -17.84 3.83
C05 M6Z C . 16.71 -17.54 5.25
C06 M6Z C . 17.75 -17.29 6.16
C07 M6Z C . 17.45 -17.03 7.50
C08 M6Z C . 16.12 -17.03 7.95
C09 M6Z C . 15.09 -17.28 7.05
C11 M6Z C . 15.39 -17.53 5.69
I10 M6Z C . 18.97 -16.67 8.92
N02 M6Z C . 17.34 -18.40 1.47
N13 M6Z C . 15.34 -17.98 3.54
O14 M6Z C . 18.85 -17.75 3.07
S SO4 D . 12.55 -34.81 -2.88
O1 SO4 D . 13.49 -34.56 -3.97
O2 SO4 D . 11.19 -34.45 -3.32
O3 SO4 D . 12.58 -36.22 -2.50
O4 SO4 D . 12.90 -33.98 -1.73
S SO4 E . 10.97 -12.32 9.02
O1 SO4 E . 10.78 -11.07 9.75
O2 SO4 E . 10.99 -12.04 7.58
O3 SO4 E . 12.23 -12.96 9.41
O4 SO4 E . 9.86 -13.22 9.32
N12 M6Z F . -17.58 5.91 9.32
C01 M6Z F . -14.32 3.07 5.55
C03 M6Z F . -15.42 3.46 7.73
C04 M6Z F . -16.38 4.27 8.59
C05 M6Z F . -17.10 3.80 9.75
C06 M6Z F . -17.18 2.59 10.46
C07 M6Z F . -18.00 2.49 11.60
C08 M6Z F . -18.76 3.60 12.01
C09 M6Z F . -18.68 4.81 11.31
C11 M6Z F . -17.85 4.91 10.18
I10 M6Z F . -18.15 0.69 12.69
N02 M6Z F . -15.24 3.84 6.36
N13 M6Z F . -16.72 5.52 8.37
O14 M6Z F . -14.83 2.53 8.18
S SO4 G . 4.55 10.18 10.16
O1 SO4 G . 5.06 11.54 10.26
O2 SO4 G . 4.66 9.75 8.75
O3 SO4 G . 3.15 10.14 10.58
O4 SO4 G . 5.40 9.33 10.99
S SO4 H . -22.99 18.30 12.38
O1 SO4 H . -21.69 18.60 11.78
O2 SO4 H . -23.75 19.51 12.60
O3 SO4 H . -23.80 17.40 11.54
O4 SO4 H . -22.80 17.66 13.68
S SO4 I . -24.17 8.04 -8.33
O1 SO4 I . -23.66 8.83 -7.21
O2 SO4 I . -24.24 8.86 -9.54
O3 SO4 I . -23.30 6.89 -8.57
O4 SO4 I . -25.50 7.55 -7.97
S SO4 J . 6.79 26.00 -1.76
O1 SO4 J . 7.49 26.16 -3.03
O2 SO4 J . 5.96 27.16 -1.45
O3 SO4 J . 7.81 25.89 -0.71
O4 SO4 J . 5.97 24.79 -1.80
S SO4 K . -19.57 7.72 15.84
O1 SO4 K . -18.41 8.60 15.73
O2 SO4 K . -20.44 7.90 14.69
O3 SO4 K . -19.13 6.33 15.91
O4 SO4 K . -20.32 8.04 17.06
#